data_5XE5
#
_entry.id   5XE5
#
_cell.length_a   71.185
_cell.length_b   63.118
_cell.length_c   74.916
_cell.angle_alpha   90.000
_cell.angle_beta   103.330
_cell.angle_gamma   90.000
#
_symmetry.space_group_name_H-M   'P 1 21 1'
#
loop_
_entity.id
_entity.type
_entity.pdbx_description
1 polymer 'phloretin hydrolase'
2 non-polymer 'MAGNESIUM ION'
3 non-polymer 1,2-ETHANEDIOL
4 water water
#
_entity_poly.entity_id   1
_entity_poly.type   'polypeptide(L)'
_entity_poly.pdbx_seq_one_letter_code
;VHPITYYPVDTQRLVRSNAERIRHKPYAHYFNPDVAVPEEVFAALKAPLEPEQVLGTSSTELNRLLEPGYLEGETGYCGL
PDGAGYTSSLVRFPGATPEMFRWWFWWHSFEPERYSLWHPWCHADIWRTDPETETAPNLTDEQRYVGSTHHINEYIGQDP
LDIEITFIDPARWGFDADGFAAAGIGAHACGSVLMKGSHMRLATMVHLARITDDGFELRSRYWIADRAEPRHDPVAGIAQ
LTTVPGFSGERQAYEQLVHDQTEFNHLATFLPDIYQEFGP
;
_entity_poly.pdbx_strand_id   A,B
#
loop_
_chem_comp.id
_chem_comp.type
_chem_comp.name
_chem_comp.formula
EDO non-polymer 1,2-ETHANEDIOL 'C2 H6 O2'
MG non-polymer 'MAGNESIUM ION' 'Mg 2'
#
# COMPACT_ATOMS: atom_id res chain seq x y z
N VAL A 1 1.71 14.26 -11.18
CA VAL A 1 2.14 12.99 -10.59
C VAL A 1 2.31 13.01 -9.06
N HIS A 2 2.12 11.84 -8.44
CA HIS A 2 2.19 11.72 -7.00
C HIS A 2 3.07 10.55 -6.56
N PRO A 3 3.94 10.78 -5.57
CA PRO A 3 4.84 9.69 -5.18
C PRO A 3 4.10 8.55 -4.46
N ILE A 4 4.61 7.34 -4.65
CA ILE A 4 4.03 6.17 -4.01
C ILE A 4 4.16 6.34 -2.51
N THR A 5 3.06 6.11 -1.80
CA THR A 5 3.07 6.29 -0.35
C THR A 5 3.09 4.95 0.39
N TYR A 6 3.29 3.85 -0.33
CA TYR A 6 3.23 2.53 0.31
C TYR A 6 4.25 1.57 -0.29
N TYR A 7 5.11 1.05 0.59
CA TYR A 7 6.22 0.21 0.17
C TYR A 7 6.35 -1.03 1.06
N PRO A 8 5.84 -2.18 0.58
CA PRO A 8 5.83 -3.42 1.37
C PRO A 8 7.22 -3.68 1.96
N VAL A 9 7.29 -4.20 3.17
CA VAL A 9 8.59 -4.24 3.86
C VAL A 9 9.67 -5.01 3.06
N ASP A 10 9.31 -6.11 2.44
CA ASP A 10 10.32 -6.84 1.68
C ASP A 10 10.87 -6.04 0.50
N THR A 11 10.09 -5.11 -0.05
CA THR A 11 10.55 -4.33 -1.19
C THR A 11 11.56 -3.26 -0.73
N GLN A 12 11.41 -2.80 0.52
CA GLN A 12 12.35 -1.87 1.11
C GLN A 12 13.75 -2.51 1.22
N ARG A 13 13.81 -3.81 1.53
CA ARG A 13 15.08 -4.56 1.44
C ARG A 13 15.57 -4.69 0.02
N LEU A 14 14.66 -5.02 -0.91
CA LEU A 14 15.07 -5.34 -2.28
C LEU A 14 15.62 -4.12 -3.00
N VAL A 15 15.04 -2.96 -2.73
CA VAL A 15 15.50 -1.78 -3.43
C VAL A 15 16.95 -1.50 -3.03
N ARG A 16 17.28 -1.71 -1.76
CA ARG A 16 18.65 -1.45 -1.29
C ARG A 16 19.60 -2.48 -1.92
N SER A 17 19.25 -3.76 -1.93
CA SER A 17 20.14 -4.75 -2.53
C SER A 17 20.21 -4.60 -4.05
N ASN A 18 19.14 -4.10 -4.68
CA ASN A 18 19.21 -3.74 -6.09
C ASN A 18 20.18 -2.57 -6.36
N ALA A 19 20.13 -1.55 -5.50
CA ALA A 19 21.02 -0.38 -5.67
C ALA A 19 22.48 -0.81 -5.52
N GLU A 20 22.76 -1.66 -4.53
CA GLU A 20 24.12 -2.15 -4.32
C GLU A 20 24.67 -2.88 -5.55
N ARG A 21 23.90 -3.82 -6.08
CA ARG A 21 24.52 -4.64 -7.12
C ARG A 21 24.61 -3.93 -8.46
N ILE A 22 23.84 -2.87 -8.67
CA ILE A 22 23.89 -2.21 -9.96
C ILE A 22 25.02 -1.18 -10.03
N ARG A 23 25.69 -0.97 -8.89
CA ARG A 23 26.52 0.21 -8.63
C ARG A 23 27.54 0.55 -9.69
N HIS A 24 27.87 -0.44 -10.49
CA HIS A 24 29.13 -0.49 -11.14
C HIS A 24 28.95 -0.99 -12.58
N LYS A 25 27.69 -1.28 -12.94
CA LYS A 25 27.23 -1.41 -14.32
C LYS A 25 27.29 -0.07 -15.08
N PRO A 26 27.45 -0.12 -16.41
CA PRO A 26 27.51 1.11 -17.21
C PRO A 26 26.20 1.86 -17.27
N TYR A 27 25.10 1.22 -16.89
CA TYR A 27 23.77 1.84 -16.92
C TYR A 27 23.26 2.13 -15.50
N ALA A 28 24.17 2.07 -14.52
CA ALA A 28 23.83 2.36 -13.13
C ALA A 28 23.14 3.72 -12.95
N HIS A 29 23.53 4.72 -13.72
CA HIS A 29 22.97 6.05 -13.51
C HIS A 29 21.47 6.11 -13.83
N TYR A 30 20.92 5.10 -14.52
CA TYR A 30 19.46 5.03 -14.71
C TYR A 30 18.70 4.48 -13.49
N PHE A 31 19.41 3.92 -12.53
CA PHE A 31 18.75 3.37 -11.37
C PHE A 31 18.30 4.55 -10.48
N ASN A 32 16.98 4.70 -10.34
CA ASN A 32 16.38 5.73 -9.53
C ASN A 32 15.18 5.13 -8.81
N PRO A 33 15.20 5.14 -7.46
CA PRO A 33 14.12 4.51 -6.72
C PRO A 33 12.86 5.38 -6.55
N ASP A 34 12.91 6.64 -7.01
CA ASP A 34 11.72 7.49 -6.97
C ASP A 34 10.63 6.98 -7.91
N VAL A 35 9.50 6.57 -7.34
CA VAL A 35 8.37 6.13 -8.15
C VAL A 35 7.14 6.94 -7.79
N ALA A 36 6.27 7.09 -8.78
CA ALA A 36 5.12 8.00 -8.74
C ALA A 36 4.02 7.59 -9.73
N VAL A 37 2.81 7.99 -9.44
CA VAL A 37 1.68 7.75 -10.34
C VAL A 37 0.96 9.04 -10.68
N PRO A 38 0.45 9.15 -11.92
CA PRO A 38 -0.22 10.39 -12.35
C PRO A 38 -1.57 10.58 -11.68
N GLU A 39 -1.88 11.86 -11.47
CA GLU A 39 -3.16 12.31 -10.94
C GLU A 39 -4.35 11.62 -11.62
N GLU A 40 -4.25 11.47 -12.93
CA GLU A 40 -5.36 11.00 -13.75
C GLU A 40 -5.82 9.58 -13.42
N VAL A 41 -5.03 8.79 -12.70
CA VAL A 41 -5.49 7.44 -12.41
C VAL A 41 -5.90 7.25 -10.95
N PHE A 42 -5.79 8.29 -10.14
CA PHE A 42 -6.16 8.15 -8.73
C PHE A 42 -7.55 7.59 -8.52
N ALA A 43 -8.49 8.05 -9.33
CA ALA A 43 -9.84 7.52 -9.28
C ALA A 43 -9.79 6.00 -9.32
N ALA A 44 -8.92 5.47 -10.17
CA ALA A 44 -8.91 4.02 -10.40
C ALA A 44 -8.28 3.25 -9.23
N LEU A 45 -7.47 3.94 -8.42
CA LEU A 45 -6.90 3.35 -7.22
C LEU A 45 -7.92 3.29 -6.07
N LYS A 46 -9.08 3.93 -6.21
CA LYS A 46 -9.95 4.14 -5.06
C LYS A 46 -11.23 3.31 -5.09
N ALA A 47 -11.56 2.74 -6.25
CA ALA A 47 -12.78 1.98 -6.41
C ALA A 47 -12.65 1.15 -7.68
N PRO A 48 -13.29 -0.03 -7.72
CA PRO A 48 -13.23 -0.95 -8.87
C PRO A 48 -14.11 -0.59 -10.07
N LEU A 49 -13.72 -1.06 -11.26
CA LEU A 49 -14.58 -1.03 -12.45
C LEU A 49 -15.87 -1.80 -12.19
N GLU A 50 -16.93 -1.47 -12.93
CA GLU A 50 -18.13 -2.30 -12.91
C GLU A 50 -17.99 -3.28 -14.09
N PRO A 51 -18.73 -4.41 -14.07
CA PRO A 51 -18.40 -5.51 -14.99
C PRO A 51 -18.64 -5.18 -16.46
N GLU A 52 -19.40 -4.12 -16.69
CA GLU A 52 -19.66 -3.63 -18.04
C GLU A 52 -18.49 -2.80 -18.52
N GLN A 53 -17.47 -2.63 -17.69
CA GLN A 53 -16.24 -1.98 -18.12
C GLN A 53 -15.11 -2.98 -18.33
N VAL A 54 -15.43 -4.27 -18.25
CA VAL A 54 -14.44 -5.32 -18.41
C VAL A 54 -14.46 -5.89 -19.81
N LEU A 55 -13.29 -5.87 -20.44
CA LEU A 55 -13.10 -6.43 -21.77
C LEU A 55 -12.92 -7.94 -21.70
N GLY A 56 -13.50 -8.65 -22.67
CA GLY A 56 -13.37 -10.10 -22.74
C GLY A 56 -12.13 -10.55 -23.49
N THR A 57 -12.01 -11.85 -23.69
CA THR A 57 -10.87 -12.43 -24.38
C THR A 57 -11.26 -13.13 -25.68
N SER A 58 -12.53 -13.00 -26.05
CA SER A 58 -12.96 -13.43 -27.38
C SER A 58 -12.22 -12.58 -28.39
N SER A 59 -11.79 -13.16 -29.51
CA SER A 59 -11.04 -12.39 -30.50
C SER A 59 -11.82 -11.13 -30.91
N THR A 60 -13.14 -11.22 -30.88
CA THR A 60 -14.00 -10.08 -31.14
C THR A 60 -13.79 -8.99 -30.10
N GLU A 61 -13.68 -9.40 -28.83
CA GLU A 61 -13.45 -8.44 -27.75
C GLU A 61 -12.05 -7.87 -27.82
N LEU A 62 -11.04 -8.74 -27.92
CA LEU A 62 -9.65 -8.31 -28.00
C LEU A 62 -9.45 -7.27 -29.10
N ASN A 63 -10.09 -7.49 -30.24
CA ASN A 63 -9.85 -6.64 -31.39
C ASN A 63 -10.46 -5.24 -31.22
N ARG A 64 -11.38 -5.09 -30.28
CA ARG A 64 -11.87 -3.76 -29.93
C ARG A 64 -10.72 -2.83 -29.54
N LEU A 65 -9.62 -3.43 -29.08
CA LEU A 65 -8.46 -2.66 -28.66
C LEU A 65 -7.85 -1.90 -29.84
N LEU A 66 -8.23 -2.26 -31.06
CA LEU A 66 -7.67 -1.63 -32.25
C LEU A 66 -8.50 -0.43 -32.67
N GLU A 67 -9.68 -0.28 -32.06
CA GLU A 67 -10.57 0.80 -32.46
C GLU A 67 -9.96 2.14 -32.10
N PRO A 68 -10.23 3.16 -32.92
CA PRO A 68 -9.75 4.49 -32.57
C PRO A 68 -10.41 5.00 -31.30
N GLY A 69 -9.74 5.91 -30.61
CA GLY A 69 -10.21 6.41 -29.34
C GLY A 69 -10.01 5.42 -28.22
N TYR A 70 -10.77 5.60 -27.15
CA TYR A 70 -10.66 4.76 -25.97
C TYR A 70 -11.89 3.92 -25.72
N LEU A 71 -11.71 2.82 -25.01
CA LEU A 71 -12.81 2.04 -24.49
C LEU A 71 -13.21 2.60 -23.12
N GLU A 72 -14.17 1.97 -22.48
CA GLU A 72 -14.55 2.34 -21.11
C GLU A 72 -13.64 1.63 -20.15
N GLY A 73 -13.21 2.33 -19.09
CA GLY A 73 -12.33 1.75 -18.09
C GLY A 73 -11.02 1.28 -18.70
N GLU A 74 -10.28 2.22 -19.31
CA GLU A 74 -8.96 1.92 -19.85
C GLU A 74 -7.99 1.62 -18.70
N THR A 75 -8.32 2.12 -17.51
CA THR A 75 -7.49 1.97 -16.33
C THR A 75 -8.32 1.64 -15.11
N GLY A 76 -8.09 0.46 -14.54
CA GLY A 76 -8.81 0.01 -13.36
C GLY A 76 -8.60 -1.46 -13.05
N TYR A 77 -9.32 -1.92 -12.04
CA TYR A 77 -9.23 -3.31 -11.58
C TYR A 77 -10.61 -3.72 -11.14
N CYS A 78 -10.85 -5.03 -11.07
CA CYS A 78 -12.00 -5.53 -10.34
C CYS A 78 -11.88 -7.03 -10.18
N GLY A 79 -12.66 -7.56 -9.25
CA GLY A 79 -12.84 -8.99 -9.15
C GLY A 79 -13.73 -9.44 -10.30
N LEU A 80 -13.58 -10.69 -10.69
CA LEU A 80 -14.51 -11.32 -11.61
C LEU A 80 -15.34 -12.33 -10.82
N PRO A 81 -16.49 -12.76 -11.38
CA PRO A 81 -17.37 -13.69 -10.68
C PRO A 81 -16.69 -14.99 -10.19
N ASP A 82 -15.93 -15.68 -11.04
CA ASP A 82 -15.41 -17.01 -10.69
C ASP A 82 -14.19 -17.00 -9.76
N GLY A 83 -13.98 -15.91 -9.01
CA GLY A 83 -12.80 -15.77 -8.18
C GLY A 83 -11.58 -15.20 -8.93
N ALA A 84 -11.76 -14.95 -10.22
CA ALA A 84 -10.70 -14.41 -11.05
C ALA A 84 -10.62 -12.88 -10.93
N GLY A 85 -9.59 -12.30 -11.53
CA GLY A 85 -9.38 -10.88 -11.43
C GLY A 85 -9.18 -10.23 -12.78
N TYR A 86 -9.27 -8.91 -12.80
CA TYR A 86 -9.11 -8.14 -14.03
C TYR A 86 -8.42 -6.82 -13.80
N THR A 87 -7.39 -6.56 -14.60
CA THR A 87 -6.66 -5.29 -14.55
C THR A 87 -6.55 -4.68 -15.93
N SER A 88 -6.87 -3.40 -16.03
CA SER A 88 -6.59 -2.67 -17.25
C SER A 88 -5.80 -1.46 -16.85
N SER A 89 -4.89 -1.03 -17.73
CA SER A 89 -3.99 0.06 -17.37
C SER A 89 -3.45 0.83 -18.59
N LEU A 90 -3.61 2.14 -18.57
CA LEU A 90 -3.06 2.99 -19.61
C LEU A 90 -1.90 3.83 -19.03
N VAL A 91 -0.75 3.80 -19.70
CA VAL A 91 0.41 4.57 -19.27
C VAL A 91 1.02 5.34 -20.42
N ARG A 92 1.29 6.62 -20.21
CA ARG A 92 1.75 7.46 -21.31
C ARG A 92 3.27 7.50 -21.39
N PHE A 93 3.76 7.39 -22.63
CA PHE A 93 5.19 7.41 -22.91
C PHE A 93 5.55 8.55 -23.84
N PRO A 94 5.54 9.80 -23.32
CA PRO A 94 5.93 10.99 -24.10
C PRO A 94 7.37 10.95 -24.61
N GLY A 95 7.58 11.36 -25.85
CA GLY A 95 8.92 11.38 -26.42
C GLY A 95 9.50 9.99 -26.70
N ALA A 96 8.69 8.95 -26.50
CA ALA A 96 9.12 7.59 -26.81
C ALA A 96 8.46 7.09 -28.11
N THR A 97 9.04 6.06 -28.74
CA THR A 97 8.47 5.44 -29.93
C THR A 97 8.26 3.93 -29.69
N PRO A 98 7.28 3.31 -30.39
CA PRO A 98 7.05 1.88 -30.19
C PRO A 98 8.33 1.06 -30.39
N GLU A 99 9.24 1.55 -31.22
CA GLU A 99 10.46 0.82 -31.52
C GLU A 99 11.36 0.72 -30.27
N MET A 100 11.33 1.75 -29.42
CA MET A 100 12.05 1.71 -28.15
C MET A 100 11.48 0.64 -27.22
N PHE A 101 10.18 0.43 -27.34
CA PHE A 101 9.47 -0.56 -26.54
C PHE A 101 9.84 -1.97 -26.99
N ARG A 102 9.88 -2.18 -28.31
CA ARG A 102 10.29 -3.49 -28.84
C ARG A 102 11.72 -3.77 -28.38
N TRP A 103 12.57 -2.76 -28.48
CA TRP A 103 13.97 -2.88 -28.07
C TRP A 103 14.11 -3.23 -26.60
N TRP A 104 13.43 -2.44 -25.77
CA TRP A 104 13.48 -2.65 -24.34
C TRP A 104 13.11 -4.07 -23.93
N PHE A 105 12.08 -4.63 -24.56
CA PHE A 105 11.54 -5.90 -24.06
C PHE A 105 12.45 -7.07 -24.28
N TRP A 106 13.46 -6.91 -25.14
CA TRP A 106 14.49 -7.93 -25.17
C TRP A 106 15.72 -7.50 -24.38
N TRP A 107 16.17 -6.25 -24.56
CA TRP A 107 17.40 -5.81 -23.93
C TRP A 107 17.41 -6.02 -22.40
N HIS A 108 16.31 -5.71 -21.73
CA HIS A 108 16.27 -5.81 -20.27
C HIS A 108 16.42 -7.24 -19.78
N SER A 109 16.15 -8.21 -20.65
CA SER A 109 15.87 -9.55 -20.14
C SER A 109 17.14 -10.38 -19.93
N PHE A 110 18.29 -9.80 -20.27
CA PHE A 110 19.55 -10.53 -20.32
C PHE A 110 20.49 -10.29 -19.14
N GLU A 111 20.12 -9.38 -18.25
CA GLU A 111 20.84 -9.20 -16.99
C GLU A 111 19.83 -8.81 -15.91
N PRO A 112 19.92 -9.44 -14.73
CA PRO A 112 19.00 -9.06 -13.64
C PRO A 112 19.05 -7.56 -13.29
N GLU A 113 20.19 -6.93 -13.46
CA GLU A 113 20.33 -5.53 -13.07
C GLU A 113 19.57 -4.60 -14.01
N ARG A 114 19.57 -4.94 -15.30
CA ARG A 114 18.77 -4.19 -16.27
C ARG A 114 17.29 -4.25 -15.89
N TYR A 115 16.86 -5.41 -15.46
CA TYR A 115 15.46 -5.61 -15.05
C TYR A 115 15.16 -4.73 -13.84
N SER A 116 16.10 -4.64 -12.90
CA SER A 116 15.87 -3.87 -11.68
C SER A 116 15.70 -2.37 -11.98
N LEU A 117 16.15 -1.92 -13.14
CA LEU A 117 15.95 -0.52 -13.51
C LEU A 117 14.48 -0.19 -13.62
N TRP A 118 13.72 -1.18 -14.08
CA TRP A 118 12.34 -1.02 -14.49
C TRP A 118 11.42 -0.75 -13.29
N HIS A 119 11.63 -1.52 -12.23
CA HIS A 119 10.95 -1.33 -10.96
C HIS A 119 11.96 -1.65 -9.85
N PRO A 120 12.68 -0.63 -9.38
CA PRO A 120 13.76 -0.90 -8.45
C PRO A 120 13.33 -1.59 -7.16
N TRP A 121 12.06 -1.46 -6.78
CA TRP A 121 11.61 -2.00 -5.49
C TRP A 121 11.11 -3.46 -5.61
N CYS A 122 10.70 -3.86 -6.81
CA CYS A 122 9.97 -5.11 -6.93
C CYS A 122 10.66 -6.19 -7.78
N HIS A 123 11.54 -5.80 -8.69
CA HIS A 123 12.23 -6.77 -9.57
C HIS A 123 13.50 -7.35 -8.93
N ALA A 124 13.45 -8.65 -8.62
CA ALA A 124 14.58 -9.31 -7.96
C ALA A 124 15.46 -10.08 -8.95
N ASP A 125 14.86 -10.76 -9.91
CA ASP A 125 15.65 -11.62 -10.77
C ASP A 125 14.97 -11.85 -12.11
N ILE A 126 15.77 -12.05 -13.15
CA ILE A 126 15.26 -12.57 -14.43
C ILE A 126 16.33 -13.41 -15.09
N TRP A 127 15.93 -14.53 -15.68
CA TRP A 127 16.82 -15.30 -16.54
C TRP A 127 16.08 -15.95 -17.70
N ARG A 128 16.79 -16.09 -18.83
CA ARG A 128 16.33 -16.77 -20.05
C ARG A 128 17.37 -17.80 -20.37
N THR A 129 17.00 -18.86 -21.09
CA THR A 129 17.96 -19.95 -21.37
C THR A 129 18.63 -19.81 -22.72
N ASP A 130 18.42 -18.68 -23.38
CA ASP A 130 19.00 -18.47 -24.72
C ASP A 130 19.86 -17.20 -24.78
N PRO A 131 20.99 -17.20 -24.04
CA PRO A 131 21.81 -15.98 -24.00
C PRO A 131 22.38 -15.55 -25.36
N GLU A 132 22.48 -16.49 -26.31
CA GLU A 132 22.96 -16.14 -27.64
C GLU A 132 22.01 -15.18 -28.38
N THR A 133 20.73 -15.17 -27.99
CA THR A 133 19.75 -14.36 -28.72
C THR A 133 20.03 -12.86 -28.53
N GLU A 134 20.77 -12.52 -27.47
CA GLU A 134 21.08 -11.12 -27.21
C GLU A 134 22.06 -10.60 -28.26
N THR A 135 22.98 -11.45 -28.68
CA THR A 135 24.07 -11.00 -29.55
C THR A 135 24.07 -11.65 -30.93
N ALA A 136 23.04 -12.44 -31.24
CA ALA A 136 22.99 -13.02 -32.59
C ALA A 136 22.82 -11.89 -33.59
N PRO A 137 23.61 -11.92 -34.68
CA PRO A 137 23.52 -10.83 -35.65
C PRO A 137 22.23 -10.93 -36.45
N ASN A 138 21.71 -9.79 -36.90
CA ASN A 138 20.62 -9.72 -37.87
C ASN A 138 19.24 -10.17 -37.39
N LEU A 139 18.95 -10.07 -36.10
CA LEU A 139 17.60 -10.40 -35.61
C LEU A 139 16.81 -9.14 -35.37
N THR A 140 15.52 -9.13 -35.72
CA THR A 140 14.68 -7.99 -35.40
C THR A 140 14.52 -7.90 -33.87
N ASP A 141 14.06 -6.74 -33.40
CA ASP A 141 13.85 -6.60 -31.96
C ASP A 141 12.86 -7.67 -31.50
N GLU A 142 11.78 -7.83 -32.27
CA GLU A 142 10.74 -8.78 -31.90
C GLU A 142 11.30 -10.21 -31.86
N GLN A 143 12.24 -10.52 -32.74
CA GLN A 143 12.78 -11.89 -32.79
C GLN A 143 13.61 -12.16 -31.56
N ARG A 144 13.99 -11.11 -30.84
CA ARG A 144 14.83 -11.31 -29.68
C ARG A 144 14.01 -11.57 -28.40
N TYR A 145 12.68 -11.41 -28.45
CA TYR A 145 11.89 -11.80 -27.27
C TYR A 145 10.59 -12.54 -27.56
N VAL A 146 10.00 -12.37 -28.73
CA VAL A 146 8.80 -13.15 -29.02
C VAL A 146 9.17 -14.64 -29.08
N GLY A 147 8.43 -15.46 -28.34
CA GLY A 147 8.64 -16.89 -28.35
C GLY A 147 9.58 -17.28 -27.24
N SER A 148 10.25 -16.28 -26.68
CA SER A 148 11.15 -16.55 -25.55
C SER A 148 10.42 -16.61 -24.22
N THR A 149 11.05 -17.26 -23.25
CA THR A 149 10.46 -17.41 -21.94
C THR A 149 11.31 -16.73 -20.89
N HIS A 150 10.71 -15.76 -20.18
CA HIS A 150 11.43 -15.03 -19.13
C HIS A 150 11.05 -15.61 -17.77
N HIS A 151 12.05 -16.16 -17.08
CA HIS A 151 11.86 -16.69 -15.75
C HIS A 151 12.12 -15.58 -14.77
N ILE A 152 11.09 -15.19 -14.04
CA ILE A 152 11.13 -13.95 -13.26
C ILE A 152 10.83 -14.24 -11.81
N ASN A 153 11.59 -13.55 -10.94
CA ASN A 153 11.31 -13.49 -9.51
C ASN A 153 11.00 -12.03 -9.16
N GLU A 154 9.79 -11.76 -8.71
CA GLU A 154 9.43 -10.36 -8.40
C GLU A 154 8.28 -10.27 -7.43
N TYR A 155 8.12 -9.11 -6.81
CA TYR A 155 7.00 -8.82 -5.90
C TYR A 155 5.86 -8.20 -6.66
N ILE A 156 4.67 -8.77 -6.56
CA ILE A 156 3.46 -8.09 -7.04
C ILE A 156 2.51 -8.01 -5.87
N GLY A 157 2.92 -7.29 -4.84
CA GLY A 157 2.28 -7.35 -3.54
C GLY A 157 3.37 -7.64 -2.53
N GLN A 158 3.05 -8.42 -1.51
CA GLN A 158 3.88 -8.54 -0.31
C GLN A 158 4.97 -9.57 -0.47
N ASP A 159 4.72 -10.57 -1.30
CA ASP A 159 5.56 -11.76 -1.32
C ASP A 159 6.22 -11.97 -2.68
N PRO A 160 7.41 -12.56 -2.70
CA PRO A 160 8.04 -12.76 -4.00
C PRO A 160 7.22 -13.76 -4.82
N LEU A 161 7.26 -13.64 -6.14
CA LEU A 161 6.60 -14.59 -7.02
C LEU A 161 7.59 -15.11 -8.01
N ASP A 162 7.65 -16.42 -8.17
CA ASP A 162 8.41 -17.01 -9.25
C ASP A 162 7.48 -17.33 -10.39
N ILE A 163 7.55 -16.53 -11.47
CA ILE A 163 6.71 -16.69 -12.64
C ILE A 163 7.51 -16.95 -13.93
N GLU A 164 6.80 -17.36 -14.99
CA GLU A 164 7.43 -17.59 -16.30
C GLU A 164 6.57 -16.92 -17.36
N ILE A 165 7.11 -15.90 -18.04
CA ILE A 165 6.35 -15.26 -19.09
C ILE A 165 6.87 -15.68 -20.47
N THR A 166 5.96 -16.23 -21.29
CA THR A 166 6.30 -16.66 -22.65
C THR A 166 5.52 -15.78 -23.61
N PHE A 167 6.25 -15.05 -24.45
CA PHE A 167 5.65 -14.05 -25.35
C PHE A 167 5.22 -14.69 -26.65
N ILE A 168 4.05 -14.31 -27.11
CA ILE A 168 3.43 -14.89 -28.28
C ILE A 168 3.22 -13.83 -29.33
N ASP A 169 3.07 -14.27 -30.57
CA ASP A 169 2.58 -13.37 -31.59
C ASP A 169 1.10 -13.18 -31.32
N PRO A 170 0.64 -11.93 -31.37
CA PRO A 170 -0.76 -11.64 -31.07
C PRO A 170 -1.73 -12.38 -31.99
N ALA A 171 -1.34 -12.65 -33.24
CA ALA A 171 -2.22 -13.37 -34.18
C ALA A 171 -2.74 -14.66 -33.55
N ARG A 172 -1.85 -15.32 -32.81
CA ARG A 172 -2.11 -16.60 -32.16
C ARG A 172 -3.32 -16.55 -31.21
N TRP A 173 -3.74 -15.34 -30.83
CA TRP A 173 -4.95 -15.20 -30.00
C TRP A 173 -6.18 -14.65 -30.74
N GLY A 174 -6.04 -14.44 -32.05
CA GLY A 174 -7.14 -13.93 -32.85
C GLY A 174 -7.04 -12.46 -33.18
N PHE A 175 -6.03 -11.79 -32.64
CA PHE A 175 -5.78 -10.41 -32.98
C PHE A 175 -5.65 -10.24 -34.48
N ASP A 176 -6.38 -9.27 -35.02
CA ASP A 176 -6.22 -8.91 -36.41
C ASP A 176 -4.85 -8.26 -36.60
N ALA A 177 -3.82 -9.10 -36.74
CA ALA A 177 -2.44 -8.61 -36.90
C ALA A 177 -2.32 -7.63 -38.05
N ASP A 178 -2.93 -8.00 -39.19
CA ASP A 178 -3.04 -7.13 -40.37
C ASP A 178 -3.44 -5.70 -40.05
N GLY A 179 -4.33 -5.55 -39.07
CA GLY A 179 -4.86 -4.26 -38.71
C GLY A 179 -3.98 -3.37 -37.85
N PHE A 180 -2.96 -3.94 -37.22
CA PHE A 180 -2.14 -3.20 -36.23
C PHE A 180 -1.59 -1.88 -36.75
N ALA A 181 -0.99 -1.91 -37.93
CA ALA A 181 -0.39 -0.74 -38.55
C ALA A 181 -1.38 0.41 -38.64
N ALA A 182 -2.60 0.11 -39.07
CA ALA A 182 -3.58 1.15 -39.31
C ALA A 182 -4.25 1.58 -38.00
N ALA A 183 -4.12 0.77 -36.96
CA ALA A 183 -4.71 1.15 -35.67
C ALA A 183 -3.67 1.91 -34.85
N GLY A 184 -2.48 2.09 -35.42
CA GLY A 184 -1.43 2.83 -34.76
C GLY A 184 -0.63 2.00 -33.75
N ILE A 185 -0.81 0.70 -33.77
CA ILE A 185 -0.12 -0.18 -32.84
C ILE A 185 1.20 -0.62 -33.44
N GLY A 186 2.29 -0.06 -32.92
CA GLY A 186 3.63 -0.31 -33.44
C GLY A 186 4.50 -1.24 -32.59
N ALA A 187 3.99 -1.61 -31.42
CA ALA A 187 4.65 -2.64 -30.61
C ALA A 187 3.66 -3.40 -29.76
N HIS A 188 4.02 -4.63 -29.42
CA HIS A 188 3.23 -5.50 -28.55
C HIS A 188 4.13 -6.35 -27.63
N ALA A 189 3.59 -6.70 -26.48
CA ALA A 189 4.21 -7.63 -25.56
C ALA A 189 3.10 -8.43 -24.90
N CYS A 190 2.72 -9.53 -25.54
CA CYS A 190 1.59 -10.30 -25.06
C CYS A 190 2.06 -11.68 -24.71
N GLY A 191 1.43 -12.29 -23.70
CA GLY A 191 1.77 -13.66 -23.40
C GLY A 191 1.02 -14.26 -22.23
N SER A 192 1.39 -15.49 -21.90
CA SER A 192 0.85 -16.18 -20.75
C SER A 192 1.84 -16.06 -19.58
N VAL A 193 1.33 -15.69 -18.41
CA VAL A 193 2.10 -15.63 -17.16
C VAL A 193 1.78 -16.85 -16.28
N LEU A 194 2.74 -17.77 -16.17
CA LEU A 194 2.55 -19.01 -15.42
C LEU A 194 3.43 -19.08 -14.16
N MET A 195 2.94 -19.76 -13.14
CA MET A 195 3.67 -19.97 -11.90
C MET A 195 4.78 -20.97 -12.11
N LYS A 196 5.93 -20.73 -11.49
CA LYS A 196 7.13 -21.54 -11.73
C LYS A 196 6.91 -23.04 -11.60
N GLY A 197 6.32 -23.49 -10.51
CA GLY A 197 6.32 -24.94 -10.33
C GLY A 197 5.10 -25.62 -10.89
N SER A 198 3.96 -25.17 -10.38
CA SER A 198 2.65 -25.67 -10.73
C SER A 198 2.27 -25.43 -12.19
N HIS A 199 2.93 -24.48 -12.85
CA HIS A 199 2.50 -23.96 -14.16
C HIS A 199 1.06 -23.45 -14.15
N MET A 200 0.55 -23.11 -12.97
CA MET A 200 -0.77 -22.50 -12.89
C MET A 200 -0.74 -21.13 -13.57
N ARG A 201 -1.86 -20.73 -14.14
CA ARG A 201 -1.99 -19.46 -14.84
C ARG A 201 -2.21 -18.34 -13.85
N LEU A 202 -1.25 -17.42 -13.79
CA LEU A 202 -1.40 -16.21 -13.01
C LEU A 202 -2.13 -15.14 -13.83
N ALA A 203 -1.75 -15.00 -15.10
CA ALA A 203 -2.41 -14.01 -15.95
C ALA A 203 -2.33 -14.30 -17.42
N THR A 204 -3.40 -13.93 -18.13
CA THR A 204 -3.33 -13.69 -19.55
C THR A 204 -3.02 -12.22 -19.72
N MET A 205 -1.93 -11.92 -20.43
CA MET A 205 -1.34 -10.58 -20.44
C MET A 205 -1.28 -9.99 -21.84
N VAL A 206 -1.84 -8.78 -21.97
CA VAL A 206 -1.75 -8.02 -23.22
C VAL A 206 -1.19 -6.61 -22.99
N HIS A 207 -0.13 -6.27 -23.73
CA HIS A 207 0.49 -4.94 -23.75
C HIS A 207 0.55 -4.44 -25.18
N LEU A 208 -0.14 -3.33 -25.48
CA LEU A 208 -0.12 -2.78 -26.84
C LEU A 208 0.34 -1.33 -26.82
N ALA A 209 1.30 -1.02 -27.67
CA ALA A 209 1.83 0.35 -27.76
C ALA A 209 1.21 1.07 -28.93
N ARG A 210 0.28 1.98 -28.66
CA ARG A 210 -0.37 2.74 -29.75
C ARG A 210 0.27 4.13 -29.89
N ILE A 211 0.64 4.46 -31.12
CA ILE A 211 1.25 5.74 -31.42
C ILE A 211 0.30 6.89 -31.06
N THR A 212 0.82 7.85 -30.30
CA THR A 212 0.15 9.12 -29.99
C THR A 212 0.98 10.25 -30.56
N ASP A 213 0.43 11.46 -30.53
CA ASP A 213 1.19 12.54 -31.12
C ASP A 213 2.32 13.02 -30.23
N ASP A 214 2.31 12.66 -28.95
CA ASP A 214 3.41 13.04 -28.07
C ASP A 214 4.43 11.90 -27.88
N GLY A 215 4.18 10.75 -28.50
CA GLY A 215 5.02 9.58 -28.30
C GLY A 215 4.18 8.33 -28.50
N PHE A 216 4.07 7.47 -27.50
CA PHE A 216 3.06 6.41 -27.58
C PHE A 216 2.36 6.23 -26.24
N GLU A 217 1.19 5.60 -26.29
CA GLU A 217 0.47 5.19 -25.08
C GLU A 217 0.43 3.66 -24.97
N LEU A 218 0.73 3.17 -23.78
CA LEU A 218 0.69 1.76 -23.51
C LEU A 218 -0.69 1.38 -22.97
N ARG A 219 -1.33 0.40 -23.61
CA ARG A 219 -2.62 -0.08 -23.12
C ARG A 219 -2.54 -1.53 -22.73
N SER A 220 -2.79 -1.77 -21.44
CA SER A 220 -2.55 -3.08 -20.86
C SER A 220 -3.82 -3.74 -20.35
N ARG A 221 -3.86 -5.06 -20.50
CA ARG A 221 -4.94 -5.87 -19.99
C ARG A 221 -4.37 -7.13 -19.37
N TYR A 222 -4.91 -7.47 -18.21
CA TYR A 222 -4.57 -8.71 -17.53
C TYR A 222 -5.85 -9.42 -17.12
N TRP A 223 -5.98 -10.69 -17.50
CA TRP A 223 -7.04 -11.52 -16.96
C TRP A 223 -6.38 -12.48 -15.97
N ILE A 224 -6.59 -12.20 -14.68
CA ILE A 224 -5.89 -12.88 -13.59
C ILE A 224 -6.59 -14.16 -13.16
N ALA A 225 -5.79 -15.21 -12.97
CA ALA A 225 -6.30 -16.54 -12.62
C ALA A 225 -7.38 -17.03 -13.59
N ASP A 226 -7.20 -16.74 -14.87
CA ASP A 226 -8.14 -17.19 -15.88
C ASP A 226 -7.91 -18.68 -16.13
N ARG A 227 -8.76 -19.28 -16.96
CA ARG A 227 -8.79 -20.75 -17.03
C ARG A 227 -7.91 -21.27 -18.17
N ALA A 228 -7.78 -20.50 -19.25
CA ALA A 228 -6.88 -20.90 -20.32
C ALA A 228 -6.42 -19.74 -21.18
N GLU A 229 -5.33 -19.97 -21.89
CA GLU A 229 -4.85 -19.08 -22.94
C GLU A 229 -5.99 -18.87 -23.95
N PRO A 230 -6.19 -17.62 -24.41
CA PRO A 230 -7.24 -17.34 -25.40
C PRO A 230 -7.12 -18.25 -26.63
N ARG A 231 -8.25 -18.59 -27.23
CA ARG A 231 -8.24 -19.47 -28.41
C ARG A 231 -7.61 -20.83 -28.12
N HIS A 232 -7.57 -21.23 -26.85
CA HIS A 232 -7.02 -22.55 -26.50
C HIS A 232 -7.80 -23.26 -25.39
N ASP A 233 -7.48 -24.54 -25.21
CA ASP A 233 -8.10 -25.37 -24.18
C ASP A 233 -7.25 -25.39 -22.92
N PRO A 234 -7.91 -25.41 -21.74
CA PRO A 234 -7.21 -25.53 -20.46
C PRO A 234 -6.35 -26.77 -20.46
N VAL A 235 -5.11 -26.67 -19.98
CA VAL A 235 -4.26 -27.85 -19.91
C VAL A 235 -4.79 -28.81 -18.85
N ALA A 236 -5.01 -30.07 -19.26
CA ALA A 236 -5.47 -31.09 -18.34
C ALA A 236 -4.41 -31.33 -17.26
N GLY A 237 -4.84 -31.29 -16.01
CA GLY A 237 -3.96 -31.60 -14.90
C GLY A 237 -3.46 -30.39 -14.14
N ILE A 238 -3.85 -29.20 -14.59
CA ILE A 238 -3.49 -27.96 -13.91
C ILE A 238 -4.74 -27.30 -13.31
N ALA A 239 -4.73 -27.06 -12.01
CA ALA A 239 -5.85 -26.36 -11.35
C ALA A 239 -5.88 -24.88 -11.71
N GLN A 240 -7.06 -24.28 -11.64
CA GLN A 240 -7.15 -22.84 -11.82
C GLN A 240 -6.62 -22.20 -10.54
N LEU A 241 -5.90 -21.09 -10.68
CA LEU A 241 -5.29 -20.42 -9.52
C LEU A 241 -6.32 -20.07 -8.45
N THR A 242 -7.58 -19.94 -8.85
CA THR A 242 -8.67 -19.62 -7.93
C THR A 242 -8.92 -20.74 -6.89
N THR A 243 -8.36 -21.92 -7.12
CA THR A 243 -8.57 -23.06 -6.23
C THR A 243 -7.58 -23.09 -5.07
N VAL A 244 -6.52 -22.29 -5.15
CA VAL A 244 -5.58 -22.21 -4.04
C VAL A 244 -6.17 -21.42 -2.87
N PRO A 245 -6.18 -22.02 -1.68
CA PRO A 245 -6.70 -21.33 -0.51
C PRO A 245 -5.97 -20.02 -0.28
N GLY A 246 -6.71 -18.95 0.00
CA GLY A 246 -6.11 -17.66 0.32
C GLY A 246 -6.00 -16.73 -0.86
N PHE A 247 -6.05 -17.27 -2.07
CA PHE A 247 -5.90 -16.44 -3.25
C PHE A 247 -7.13 -15.60 -3.49
N SER A 248 -6.97 -14.29 -3.54
CA SER A 248 -8.07 -13.44 -3.97
C SER A 248 -7.78 -12.90 -5.37
N GLY A 249 -8.58 -13.31 -6.34
CA GLY A 249 -8.49 -12.76 -7.68
C GLY A 249 -8.66 -11.24 -7.65
N GLU A 250 -9.55 -10.77 -6.81
CA GLU A 250 -9.79 -9.35 -6.68
C GLU A 250 -8.58 -8.60 -6.14
N ARG A 251 -7.98 -9.14 -5.08
CA ARG A 251 -6.83 -8.48 -4.47
C ARG A 251 -5.65 -8.48 -5.42
N GLN A 252 -5.46 -9.58 -6.14
CA GLN A 252 -4.36 -9.71 -7.04
C GLN A 252 -4.50 -8.71 -8.15
N ALA A 253 -5.75 -8.50 -8.59
CA ALA A 253 -5.99 -7.51 -9.66
C ALA A 253 -5.61 -6.09 -9.22
N TYR A 254 -5.93 -5.74 -7.98
CA TYR A 254 -5.52 -4.45 -7.44
C TYR A 254 -3.98 -4.31 -7.37
N GLU A 255 -3.31 -5.35 -6.89
CA GLU A 255 -1.85 -5.32 -6.83
C GLU A 255 -1.30 -5.16 -8.24
N GLN A 256 -1.90 -5.89 -9.19
CA GLN A 256 -1.42 -5.83 -10.57
C GLN A 256 -1.54 -4.42 -11.14
N LEU A 257 -2.63 -3.72 -10.78
CA LEU A 257 -2.86 -2.35 -11.24
C LEU A 257 -1.82 -1.39 -10.66
N VAL A 258 -1.65 -1.40 -9.34
CA VAL A 258 -0.63 -0.57 -8.71
C VAL A 258 0.72 -0.90 -9.33
N HIS A 259 0.97 -2.18 -9.57
CA HIS A 259 2.25 -2.62 -10.07
C HIS A 259 2.51 -2.16 -11.52
N ASP A 260 1.54 -2.37 -12.41
CA ASP A 260 1.62 -1.85 -13.78
C ASP A 260 1.88 -0.35 -13.81
N GLN A 261 1.10 0.42 -13.06
CA GLN A 261 1.22 1.87 -13.11
C GLN A 261 2.61 2.33 -12.60
N THR A 262 3.11 1.66 -11.57
CA THR A 262 4.42 2.03 -11.04
C THR A 262 5.50 1.72 -12.07
N GLU A 263 5.52 0.46 -12.48
CA GLU A 263 6.49 -0.05 -13.44
C GLU A 263 6.63 0.76 -14.71
N PHE A 264 5.52 0.87 -15.45
CA PHE A 264 5.58 1.47 -16.77
C PHE A 264 5.68 3.00 -16.73
N ASN A 265 5.04 3.64 -15.74
CA ASN A 265 5.32 5.07 -15.57
C ASN A 265 6.81 5.30 -15.26
N HIS A 266 7.42 4.35 -14.54
CA HIS A 266 8.84 4.48 -14.23
C HIS A 266 9.66 4.24 -15.48
N LEU A 267 9.35 3.19 -16.23
CA LEU A 267 10.00 2.98 -17.50
C LEU A 267 9.91 4.26 -18.35
N ALA A 268 8.72 4.85 -18.45
CA ALA A 268 8.53 6.03 -19.30
C ALA A 268 9.48 7.19 -18.93
N THR A 269 9.89 7.29 -17.66
CA THR A 269 10.76 8.41 -17.32
C THR A 269 12.16 8.30 -17.95
N PHE A 270 12.60 7.10 -18.32
CA PHE A 270 13.95 7.01 -18.85
C PHE A 270 14.11 6.20 -20.14
N LEU A 271 13.04 5.65 -20.69
CA LEU A 271 13.21 4.78 -21.87
C LEU A 271 13.89 5.47 -23.09
N PRO A 272 13.42 6.69 -23.49
CA PRO A 272 14.11 7.34 -24.61
C PRO A 272 15.62 7.52 -24.37
N ASP A 273 16.02 7.87 -23.16
CA ASP A 273 17.43 8.13 -22.86
C ASP A 273 18.31 6.88 -22.90
N ILE A 274 17.84 5.79 -22.32
CA ILE A 274 18.66 4.56 -22.26
C ILE A 274 18.70 3.85 -23.63
N TYR A 275 17.62 4.01 -24.42
CA TYR A 275 17.60 3.54 -25.81
C TYR A 275 18.66 4.27 -26.62
N GLN A 276 18.73 5.58 -26.45
CA GLN A 276 19.71 6.37 -27.17
C GLN A 276 21.10 5.93 -26.75
N GLU A 277 21.24 5.56 -25.48
CA GLU A 277 22.58 5.25 -24.97
C GLU A 277 23.00 3.79 -25.18
N PHE A 278 22.05 2.85 -25.11
CA PHE A 278 22.39 1.43 -25.18
C PHE A 278 21.71 0.69 -26.32
N GLY A 279 20.92 1.38 -27.11
CA GLY A 279 20.26 0.76 -28.25
C GLY A 279 21.15 0.85 -29.49
N PRO A 280 20.53 0.80 -30.68
CA PRO A 280 21.28 0.94 -31.94
C PRO A 280 21.85 2.33 -32.13
N VAL B 1 2.49 18.12 1.34
CA VAL B 1 1.83 16.83 1.53
C VAL B 1 1.52 16.06 0.24
N HIS B 2 1.28 14.76 0.38
CA HIS B 2 1.08 13.88 -0.77
C HIS B 2 -0.07 12.88 -0.55
N PRO B 3 -0.96 12.75 -1.55
CA PRO B 3 -2.11 11.84 -1.44
C PRO B 3 -1.72 10.37 -1.37
N ILE B 4 -2.42 9.61 -0.53
CA ILE B 4 -2.24 8.16 -0.39
C ILE B 4 -2.47 7.44 -1.74
N THR B 5 -1.60 6.49 -2.06
CA THR B 5 -1.63 5.81 -3.37
C THR B 5 -2.03 4.32 -3.30
N TYR B 6 -2.38 3.88 -2.10
CA TYR B 6 -2.69 2.48 -1.90
C TYR B 6 -3.92 2.34 -1.01
N TYR B 7 -4.96 1.68 -1.52
CA TYR B 7 -6.21 1.56 -0.77
C TYR B 7 -6.68 0.11 -0.80
N PRO B 8 -6.41 -0.64 0.27
CA PRO B 8 -6.81 -2.06 0.26
C PRO B 8 -8.30 -2.21 -0.11
N VAL B 9 -8.63 -3.26 -0.86
CA VAL B 9 -9.91 -3.33 -1.53
C VAL B 9 -11.11 -3.39 -0.54
N ASP B 10 -10.95 -4.04 0.61
CA ASP B 10 -12.04 -4.04 1.59
C ASP B 10 -12.30 -2.63 2.12
N THR B 11 -11.28 -1.78 2.05
CA THR B 11 -11.42 -0.43 2.57
C THR B 11 -12.05 0.47 1.52
N GLN B 12 -11.98 0.06 0.26
CA GLN B 12 -12.66 0.83 -0.78
C GLN B 12 -14.17 0.68 -0.58
N ARG B 13 -14.63 -0.50 -0.18
CA ARG B 13 -16.03 -0.68 0.21
C ARG B 13 -16.41 0.14 1.45
N LEU B 14 -15.64 0.00 2.53
CA LEU B 14 -16.00 0.59 3.83
C LEU B 14 -16.19 2.11 3.75
N VAL B 15 -15.34 2.77 2.99
CA VAL B 15 -15.38 4.23 2.94
C VAL B 15 -16.70 4.70 2.31
N ARG B 16 -17.26 3.88 1.42
CA ARG B 16 -18.52 4.24 0.77
C ARG B 16 -19.66 4.02 1.75
N SER B 17 -19.59 2.89 2.46
CA SER B 17 -20.50 2.54 3.56
C SER B 17 -20.54 3.67 4.59
N ASN B 18 -19.38 4.13 5.01
CA ASN B 18 -19.30 5.21 6.00
C ASN B 18 -19.82 6.54 5.50
N ALA B 19 -19.51 6.87 4.25
CA ALA B 19 -20.01 8.09 3.64
C ALA B 19 -21.55 8.09 3.65
N GLU B 20 -22.15 6.94 3.35
CA GLU B 20 -23.59 6.84 3.28
C GLU B 20 -24.25 6.90 4.67
N ARG B 21 -23.78 6.09 5.61
CA ARG B 21 -24.43 6.00 6.92
C ARG B 21 -24.32 7.31 7.72
N ILE B 22 -23.49 8.23 7.28
CA ILE B 22 -23.30 9.47 8.02
C ILE B 22 -24.05 10.65 7.38
N ARG B 23 -24.78 10.38 6.30
CA ARG B 23 -25.43 11.45 5.52
C ARG B 23 -26.15 12.53 6.34
N HIS B 24 -26.87 12.12 7.37
CA HIS B 24 -27.81 13.01 8.05
C HIS B 24 -27.26 13.54 9.37
N LYS B 25 -26.28 12.85 9.94
CA LYS B 25 -25.60 13.32 11.13
C LYS B 25 -25.16 14.77 10.93
N PRO B 26 -25.27 15.59 11.97
CA PRO B 26 -24.89 17.01 11.93
C PRO B 26 -23.42 17.28 11.64
N TYR B 27 -22.54 16.39 12.09
CA TYR B 27 -21.11 16.57 11.88
C TYR B 27 -20.66 16.08 10.49
N ALA B 28 -21.61 15.54 9.72
CA ALA B 28 -21.34 14.90 8.42
C ALA B 28 -20.58 15.74 7.39
N HIS B 29 -20.54 17.05 7.58
CA HIS B 29 -19.82 17.90 6.64
C HIS B 29 -18.34 17.98 7.03
N TYR B 30 -17.94 17.07 7.90
CA TYR B 30 -16.54 16.89 8.25
C TYR B 30 -15.99 15.63 7.59
N PHE B 31 -16.89 14.80 7.07
CA PHE B 31 -16.50 13.59 6.37
C PHE B 31 -15.78 13.83 5.04
N ASN B 32 -14.44 13.80 5.08
CA ASN B 32 -13.62 13.93 3.88
C ASN B 32 -12.83 12.64 3.64
N PRO B 33 -13.11 11.92 2.55
CA PRO B 33 -12.36 10.71 2.22
C PRO B 33 -10.93 10.97 1.75
N ASP B 34 -10.56 12.23 1.56
CA ASP B 34 -9.23 12.58 1.07
C ASP B 34 -8.17 12.43 2.17
N VAL B 35 -7.18 11.57 1.93
CA VAL B 35 -6.13 11.34 2.91
C VAL B 35 -4.74 11.54 2.32
N ALA B 36 -3.83 12.06 3.14
CA ALA B 36 -2.47 12.40 2.70
C ALA B 36 -1.47 12.31 3.84
N VAL B 37 -0.19 12.30 3.49
CA VAL B 37 0.88 12.29 4.49
C VAL B 37 1.94 13.28 4.08
N PRO B 38 2.54 13.97 5.05
CA PRO B 38 3.48 15.06 4.76
C PRO B 38 4.76 14.58 4.14
N GLU B 39 5.38 15.46 3.35
CA GLU B 39 6.65 15.19 2.69
C GLU B 39 7.72 14.76 3.69
N GLU B 40 7.64 15.30 4.89
CA GLU B 40 8.72 15.15 5.86
C GLU B 40 8.85 13.74 6.40
N VAL B 41 7.83 12.91 6.22
CA VAL B 41 7.89 11.56 6.77
C VAL B 41 8.10 10.49 5.70
N PHE B 42 8.31 10.91 4.45
CA PHE B 42 8.43 9.90 3.40
C PHE B 42 9.65 8.98 3.53
N ALA B 43 10.76 9.45 4.09
CA ALA B 43 11.88 8.55 4.28
C ALA B 43 11.50 7.45 5.24
N ALA B 44 10.63 7.73 6.22
CA ALA B 44 10.20 6.74 7.20
C ALA B 44 9.34 5.64 6.60
N LEU B 45 8.71 5.94 5.47
CA LEU B 45 7.89 4.98 4.74
C LEU B 45 8.69 4.02 3.84
N LYS B 46 9.98 4.31 3.65
CA LYS B 46 10.78 3.60 2.64
C LYS B 46 11.88 2.69 3.21
N ALA B 47 12.16 2.79 4.51
CA ALA B 47 13.21 2.00 5.16
C ALA B 47 12.93 1.91 6.63
N PRO B 48 13.26 0.76 7.26
CA PRO B 48 13.00 0.61 8.70
C PRO B 48 13.94 1.46 9.57
N LEU B 49 13.57 1.67 10.81
CA LEU B 49 14.48 2.27 11.79
C LEU B 49 15.63 1.33 12.12
N GLU B 50 16.77 1.88 12.50
CA GLU B 50 17.85 1.08 13.06
C GLU B 50 17.52 0.74 14.51
N PRO B 51 18.06 -0.39 15.03
CA PRO B 51 17.75 -0.85 16.39
C PRO B 51 17.99 0.21 17.46
N GLU B 52 19.09 0.95 17.35
CA GLU B 52 19.40 1.98 18.35
C GLU B 52 18.47 3.19 18.26
N GLN B 53 17.61 3.23 17.25
CA GLN B 53 16.60 4.27 17.21
C GLN B 53 15.27 3.84 17.85
N VAL B 54 15.24 2.65 18.46
CA VAL B 54 14.02 2.17 19.10
C VAL B 54 13.95 2.55 20.58
N LEU B 55 12.85 3.20 20.98
CA LEU B 55 12.63 3.55 22.38
C LEU B 55 12.14 2.33 23.16
N GLY B 56 12.67 2.10 24.35
CA GLY B 56 12.24 0.98 25.18
C GLY B 56 11.00 1.29 26.01
N THR B 57 10.59 0.35 26.87
CA THR B 57 9.37 0.54 27.70
C THR B 57 9.63 0.64 29.21
N SER B 58 10.90 0.67 29.63
CA SER B 58 11.20 1.00 31.03
C SER B 58 10.88 2.46 31.28
N SER B 59 10.65 2.82 32.54
CA SER B 59 10.31 4.20 32.90
C SER B 59 11.44 5.18 32.53
N THR B 60 12.69 4.70 32.63
CA THR B 60 13.84 5.44 32.13
C THR B 60 13.63 5.82 30.66
N GLU B 61 13.35 4.83 29.83
CA GLU B 61 13.17 5.07 28.39
C GLU B 61 11.91 5.88 28.09
N LEU B 62 10.79 5.52 28.70
CA LEU B 62 9.51 6.21 28.46
C LEU B 62 9.60 7.70 28.78
N ASN B 63 10.22 8.01 29.91
CA ASN B 63 10.29 9.38 30.37
C ASN B 63 11.27 10.19 29.55
N ARG B 64 11.99 9.53 28.64
CA ARG B 64 12.78 10.30 27.68
C ARG B 64 11.89 11.09 26.74
N LEU B 65 10.60 10.76 26.72
CA LEU B 65 9.68 11.50 25.86
C LEU B 65 9.40 12.90 26.41
N LEU B 66 9.90 13.20 27.61
CA LEU B 66 9.57 14.46 28.24
C LEU B 66 10.70 15.47 28.06
N GLU B 67 11.83 15.01 27.55
CA GLU B 67 12.94 15.89 27.23
C GLU B 67 12.54 16.85 26.11
N PRO B 68 13.08 18.07 26.16
CA PRO B 68 12.81 19.03 25.08
C PRO B 68 13.55 18.62 23.82
N GLY B 69 13.07 19.07 22.67
CA GLY B 69 13.67 18.67 21.41
C GLY B 69 13.16 17.29 21.06
N TYR B 70 13.89 16.60 20.21
CA TYR B 70 13.43 15.32 19.71
C TYR B 70 14.42 14.19 19.96
N LEU B 71 13.89 12.97 19.90
CA LEU B 71 14.72 11.79 20.01
C LEU B 71 15.00 11.22 18.62
N GLU B 72 16.02 10.36 18.57
CA GLU B 72 16.31 9.53 17.41
C GLU B 72 15.05 8.78 16.91
N GLY B 73 14.78 8.83 15.62
CA GLY B 73 13.67 8.10 15.05
C GLY B 73 12.26 8.49 15.54
N GLU B 74 11.95 9.78 15.54
CA GLU B 74 10.62 10.24 15.95
C GLU B 74 9.53 9.62 15.07
N THR B 75 9.86 9.28 13.84
CA THR B 75 8.89 8.68 12.93
C THR B 75 9.52 7.51 12.16
N GLY B 76 8.88 6.35 12.23
CA GLY B 76 9.39 5.16 11.58
C GLY B 76 8.81 3.86 12.14
N TYR B 77 9.33 2.75 11.64
CA TYR B 77 8.88 1.44 12.06
C TYR B 77 10.09 0.52 12.00
N CYS B 78 9.99 -0.64 12.67
CA CYS B 78 10.90 -1.74 12.41
C CYS B 78 10.40 -3.02 13.07
N GLY B 79 10.94 -4.14 12.60
CA GLY B 79 10.72 -5.41 13.27
C GLY B 79 11.59 -5.48 14.50
N LEU B 80 11.17 -6.25 15.50
CA LEU B 80 11.96 -6.47 16.70
C LEU B 80 12.32 -7.96 16.76
N PRO B 81 13.32 -8.32 17.58
CA PRO B 81 13.80 -9.72 17.66
C PRO B 81 12.74 -10.78 17.96
N ASP B 82 11.69 -10.43 18.71
CA ASP B 82 10.75 -11.46 19.13
C ASP B 82 9.98 -12.00 17.93
N GLY B 83 10.00 -11.25 16.84
CA GLY B 83 8.95 -11.38 15.84
C GLY B 83 7.93 -10.29 16.12
N ALA B 84 8.19 -9.50 17.16
CA ALA B 84 7.35 -8.34 17.52
C ALA B 84 7.75 -7.13 16.66
N GLY B 85 7.15 -5.96 16.93
CA GLY B 85 7.38 -4.80 16.08
C GLY B 85 7.28 -3.46 16.80
N TYR B 86 7.74 -2.41 16.14
CA TYR B 86 7.74 -1.11 16.77
C TYR B 86 7.42 -0.01 15.78
N THR B 87 6.60 0.93 16.22
CA THR B 87 6.19 2.08 15.41
C THR B 87 6.37 3.36 16.20
N SER B 88 7.04 4.36 15.62
CA SER B 88 6.99 5.72 16.18
C SER B 88 6.46 6.66 15.11
N SER B 89 5.67 7.64 15.53
CA SER B 89 4.99 8.50 14.59
C SER B 89 4.74 9.88 15.18
N LEU B 90 5.36 10.88 14.58
CA LEU B 90 5.12 12.27 14.91
C LEU B 90 4.14 12.90 13.92
N VAL B 91 3.09 13.55 14.43
CA VAL B 91 2.10 14.23 13.59
C VAL B 91 1.80 15.63 14.15
N ARG B 92 1.89 16.66 13.32
CA ARG B 92 1.68 18.04 13.79
C ARG B 92 0.23 18.46 13.71
N PHE B 93 -0.22 19.20 14.72
CA PHE B 93 -1.60 19.67 14.80
C PHE B 93 -1.64 21.19 14.88
N PRO B 94 -1.21 21.87 13.80
CA PRO B 94 -1.16 23.33 13.83
C PRO B 94 -2.54 23.93 14.09
N GLY B 95 -2.61 25.00 14.89
CA GLY B 95 -3.87 25.67 15.17
C GLY B 95 -4.82 24.84 15.97
N ALA B 96 -4.30 23.89 16.73
CA ALA B 96 -5.12 23.14 17.68
C ALA B 96 -4.44 23.18 19.05
N THR B 97 -5.18 22.80 20.09
CA THR B 97 -4.62 22.80 21.47
C THR B 97 -4.80 21.44 22.12
N PRO B 98 -3.93 21.10 23.09
CA PRO B 98 -4.05 19.78 23.72
C PRO B 98 -5.45 19.51 24.26
N GLU B 99 -6.17 20.56 24.68
CA GLU B 99 -7.51 20.36 25.23
C GLU B 99 -8.44 19.83 24.13
N MET B 100 -8.20 20.24 22.88
CA MET B 100 -9.01 19.74 21.79
C MET B 100 -8.79 18.23 21.63
N PHE B 101 -7.54 17.81 21.82
CA PHE B 101 -7.15 16.41 21.76
C PHE B 101 -7.85 15.60 22.86
N ARG B 102 -7.79 16.12 24.09
CA ARG B 102 -8.51 15.53 25.23
C ARG B 102 -9.99 15.40 24.96
N TRP B 103 -10.56 16.49 24.47
CA TRP B 103 -11.97 16.51 24.13
C TRP B 103 -12.26 15.43 23.11
N TRP B 104 -11.45 15.41 22.06
CA TRP B 104 -11.69 14.52 20.95
C TRP B 104 -11.72 13.06 21.38
N PHE B 105 -10.83 12.69 22.30
CA PHE B 105 -10.69 11.27 22.60
C PHE B 105 -11.85 10.63 23.36
N TRP B 106 -12.69 11.43 24.03
CA TRP B 106 -13.95 10.85 24.53
C TRP B 106 -15.09 11.11 23.55
N TRP B 107 -15.13 12.30 22.95
CA TRP B 107 -16.24 12.70 22.09
C TRP B 107 -16.52 11.70 20.96
N HIS B 108 -15.47 11.27 20.28
CA HIS B 108 -15.64 10.40 19.13
C HIS B 108 -16.16 9.01 19.49
N SER B 109 -15.99 8.60 20.74
CA SER B 109 -16.11 7.17 21.05
C SER B 109 -17.54 6.68 21.28
N PHE B 110 -18.51 7.59 21.32
CA PHE B 110 -19.88 7.17 21.62
C PHE B 110 -20.75 6.95 20.36
N GLU B 111 -20.38 7.55 19.24
CA GLU B 111 -21.04 7.24 17.95
C GLU B 111 -20.06 6.69 16.91
N PRO B 112 -20.38 5.54 16.30
CA PRO B 112 -19.54 5.02 15.23
C PRO B 112 -19.30 6.02 14.08
N GLU B 113 -20.33 6.75 13.68
CA GLU B 113 -20.20 7.73 12.60
C GLU B 113 -19.16 8.80 12.94
N ARG B 114 -19.07 9.18 14.22
CA ARG B 114 -18.07 10.15 14.66
C ARG B 114 -16.66 9.59 14.46
N TYR B 115 -16.50 8.33 14.85
CA TYR B 115 -15.26 7.59 14.68
C TYR B 115 -14.84 7.56 13.21
N SER B 116 -15.81 7.40 12.31
CA SER B 116 -15.49 7.27 10.88
C SER B 116 -15.01 8.59 10.26
N LEU B 117 -15.13 9.69 10.99
CA LEU B 117 -14.57 10.95 10.52
C LEU B 117 -13.05 10.88 10.51
N TRP B 118 -12.55 10.15 11.50
CA TRP B 118 -11.13 10.08 11.84
C TRP B 118 -10.34 9.35 10.76
N HIS B 119 -10.87 8.21 10.31
CA HIS B 119 -10.32 7.49 9.19
C HIS B 119 -11.48 6.90 8.40
N PRO B 120 -11.99 7.67 7.42
CA PRO B 120 -13.16 7.27 6.65
C PRO B 120 -12.97 5.94 5.94
N TRP B 121 -11.73 5.54 5.68
CA TRP B 121 -11.47 4.26 5.01
C TRP B 121 -11.39 3.05 5.95
N CYS B 122 -10.90 3.24 7.17
CA CYS B 122 -10.56 2.09 7.99
C CYS B 122 -11.45 1.86 9.21
N HIS B 123 -12.08 2.92 9.72
CA HIS B 123 -12.90 2.81 10.92
C HIS B 123 -14.30 2.32 10.60
N ALA B 124 -14.63 1.12 11.08
CA ALA B 124 -15.98 0.60 10.88
C ALA B 124 -16.85 0.85 12.12
N ASP B 125 -16.35 0.44 13.29
CA ASP B 125 -17.21 0.42 14.46
C ASP B 125 -16.51 0.77 15.78
N ILE B 126 -17.29 1.39 16.69
CA ILE B 126 -16.83 1.66 18.04
C ILE B 126 -18.01 1.74 19.01
N TRP B 127 -17.84 1.12 20.19
CA TRP B 127 -18.78 1.26 21.31
C TRP B 127 -18.09 1.15 22.68
N ARG B 128 -18.74 1.68 23.71
CA ARG B 128 -18.28 1.54 25.09
C ARG B 128 -19.36 0.80 25.88
N THR B 129 -19.04 0.32 27.08
CA THR B 129 -20.04 -0.29 27.94
C THR B 129 -20.64 0.77 28.85
N ASP B 130 -20.07 1.97 28.80
CA ASP B 130 -20.50 3.06 29.67
C ASP B 130 -21.01 4.28 28.90
N PRO B 131 -22.10 4.13 28.13
CA PRO B 131 -22.65 5.28 27.39
C PRO B 131 -22.87 6.50 28.27
N GLU B 132 -23.29 6.24 29.51
CA GLU B 132 -23.58 7.26 30.52
C GLU B 132 -22.50 8.34 30.63
N THR B 133 -21.24 7.93 30.47
CA THR B 133 -20.09 8.82 30.67
C THR B 133 -20.11 10.03 29.72
N GLU B 134 -20.77 9.89 28.57
CA GLU B 134 -20.84 11.00 27.62
C GLU B 134 -21.44 12.24 28.27
N THR B 135 -22.46 12.03 29.11
CA THR B 135 -23.29 13.11 29.61
C THR B 135 -23.15 13.40 31.12
N ALA B 136 -22.54 12.48 31.87
CA ALA B 136 -22.41 12.61 33.31
C ALA B 136 -21.75 13.93 33.69
N PRO B 137 -22.11 14.48 34.86
CA PRO B 137 -21.64 15.82 35.27
C PRO B 137 -20.25 15.86 35.94
N ASN B 138 -19.59 17.01 35.83
CA ASN B 138 -18.36 17.34 36.57
C ASN B 138 -17.13 16.46 36.30
N LEU B 139 -17.16 15.69 35.22
CA LEU B 139 -15.99 14.94 34.77
C LEU B 139 -15.12 15.83 33.89
N THR B 140 -13.80 15.78 34.07
CA THR B 140 -12.91 16.47 33.13
C THR B 140 -12.93 15.71 31.81
N ASP B 141 -12.25 16.23 30.80
CA ASP B 141 -12.16 15.53 29.53
C ASP B 141 -11.43 14.20 29.72
N GLU B 142 -10.33 14.21 30.46
CA GLU B 142 -9.53 13.00 30.73
C GLU B 142 -10.36 11.90 31.37
N GLN B 143 -11.16 12.28 32.35
CA GLN B 143 -11.98 11.33 33.12
C GLN B 143 -13.01 10.60 32.25
N ARG B 144 -13.29 11.16 31.07
CA ARG B 144 -14.30 10.55 30.19
C ARG B 144 -13.74 9.52 29.21
N TYR B 145 -12.42 9.38 29.13
CA TYR B 145 -11.89 8.22 28.41
C TYR B 145 -10.82 7.46 29.20
N VAL B 146 -10.03 8.15 30.01
CA VAL B 146 -9.05 7.43 30.85
C VAL B 146 -9.81 6.48 31.78
N GLY B 147 -9.40 5.21 31.79
CA GLY B 147 -10.10 4.19 32.54
C GLY B 147 -11.11 3.43 31.71
N SER B 148 -11.58 4.04 30.63
CA SER B 148 -12.59 3.38 29.80
C SER B 148 -12.00 2.40 28.80
N THR B 149 -12.86 1.54 28.25
CA THR B 149 -12.50 0.66 27.14
C THR B 149 -13.33 0.96 25.88
N HIS B 150 -12.65 1.07 24.74
CA HIS B 150 -13.31 1.23 23.45
C HIS B 150 -13.23 -0.07 22.68
N HIS B 151 -14.39 -0.67 22.43
CA HIS B 151 -14.47 -1.84 21.58
C HIS B 151 -14.55 -1.37 20.14
N ILE B 152 -13.55 -1.75 19.35
CA ILE B 152 -13.35 -1.16 18.03
C ILE B 152 -13.29 -2.22 16.96
N ASN B 153 -13.93 -1.94 15.84
CA ASN B 153 -13.68 -2.70 14.63
C ASN B 153 -13.07 -1.76 13.60
N GLU B 154 -11.90 -2.14 13.08
CA GLU B 154 -11.23 -1.31 12.09
C GLU B 154 -10.23 -2.11 11.27
N TYR B 155 -9.80 -1.54 10.16
CA TYR B 155 -8.79 -2.15 9.31
C TYR B 155 -7.42 -1.57 9.63
N ILE B 156 -6.46 -2.41 9.98
CA ILE B 156 -5.08 -1.91 10.09
C ILE B 156 -4.21 -2.75 9.18
N GLY B 157 -4.52 -2.67 7.89
CA GLY B 157 -4.01 -3.61 6.91
C GLY B 157 -5.15 -4.04 6.00
N GLN B 158 -5.06 -5.25 5.49
CA GLN B 158 -6.04 -5.76 4.54
C GLN B 158 -7.35 -6.19 5.21
N ASP B 159 -7.29 -6.62 6.46
CA ASP B 159 -8.44 -7.30 7.08
C ASP B 159 -8.97 -6.56 8.30
N PRO B 160 -10.27 -6.73 8.59
CA PRO B 160 -10.83 -6.01 9.74
C PRO B 160 -10.48 -6.71 11.03
N LEU B 161 -10.13 -5.96 12.06
CA LEU B 161 -9.78 -6.53 13.36
C LEU B 161 -10.78 -6.09 14.43
N ASP B 162 -11.07 -6.98 15.36
CA ASP B 162 -11.88 -6.60 16.52
C ASP B 162 -10.96 -6.42 17.73
N ILE B 163 -10.84 -5.19 18.18
CA ILE B 163 -9.84 -4.90 19.18
C ILE B 163 -10.48 -4.16 20.35
N GLU B 164 -9.86 -4.28 21.52
CA GLU B 164 -10.31 -3.58 22.72
C GLU B 164 -9.17 -2.72 23.23
N ILE B 165 -9.40 -1.41 23.26
CA ILE B 165 -8.40 -0.47 23.75
C ILE B 165 -8.82 0.10 25.10
N THR B 166 -8.01 -0.14 26.13
CA THR B 166 -8.26 0.38 27.47
C THR B 166 -7.27 1.50 27.78
N PHE B 167 -7.74 2.67 28.18
CA PHE B 167 -6.81 3.78 28.42
C PHE B 167 -6.43 3.86 29.90
N ILE B 168 -5.19 4.25 30.17
CA ILE B 168 -4.70 4.22 31.54
C ILE B 168 -4.01 5.51 31.98
N ASP B 169 -3.94 5.71 33.29
CA ASP B 169 -3.13 6.78 33.82
C ASP B 169 -1.68 6.43 33.51
N PRO B 170 -0.99 7.30 32.76
CA PRO B 170 0.39 6.99 32.32
C PRO B 170 1.32 6.67 33.48
N ALA B 171 1.01 7.19 34.67
CA ALA B 171 1.84 6.93 35.86
C ALA B 171 1.86 5.44 36.19
N ARG B 172 0.84 4.71 35.72
CA ARG B 172 0.75 3.28 35.96
C ARG B 172 1.91 2.53 35.27
N TRP B 173 2.54 3.18 34.30
CA TRP B 173 3.66 2.59 33.56
C TRP B 173 4.99 3.20 33.99
N GLY B 174 4.94 4.10 34.97
CA GLY B 174 6.14 4.71 35.47
C GLY B 174 6.47 6.04 34.81
N PHE B 175 5.55 6.55 34.00
CA PHE B 175 5.67 7.90 33.44
C PHE B 175 5.75 8.91 34.57
N ASP B 176 6.63 9.89 34.45
CA ASP B 176 6.69 11.00 35.41
C ASP B 176 5.52 11.94 35.13
N ALA B 177 4.30 11.47 35.37
CA ALA B 177 3.08 12.20 34.98
C ALA B 177 3.05 13.64 35.52
N ASP B 178 3.58 13.84 36.72
CA ASP B 178 3.59 15.17 37.33
C ASP B 178 4.45 16.13 36.52
N GLY B 179 5.50 15.58 35.93
CA GLY B 179 6.39 16.34 35.08
C GLY B 179 5.81 16.71 33.73
N PHE B 180 4.59 16.25 33.45
CA PHE B 180 3.99 16.48 32.12
C PHE B 180 3.84 17.97 31.82
N ALA B 181 3.35 18.74 32.79
CA ALA B 181 3.19 20.19 32.62
C ALA B 181 4.49 20.87 32.21
N ALA B 182 5.55 20.64 32.96
CA ALA B 182 6.80 21.34 32.71
C ALA B 182 7.43 20.91 31.41
N ALA B 183 7.05 19.74 30.91
CA ALA B 183 7.60 19.24 29.66
C ALA B 183 6.69 19.62 28.49
N GLY B 184 5.68 20.44 28.78
CA GLY B 184 4.83 20.96 27.72
C GLY B 184 3.88 19.92 27.16
N ILE B 185 3.78 18.77 27.83
CA ILE B 185 2.81 17.74 27.47
C ILE B 185 1.47 18.00 28.14
N GLY B 186 0.42 18.21 27.34
CA GLY B 186 -0.84 18.69 27.85
C GLY B 186 -2.03 17.79 27.61
N ALA B 187 -1.80 16.72 26.85
CA ALA B 187 -2.82 15.69 26.68
C ALA B 187 -2.13 14.33 26.44
N HIS B 188 -2.78 13.25 26.85
CA HIS B 188 -2.21 11.92 26.64
C HIS B 188 -3.30 10.96 26.35
N ALA B 189 -2.96 9.89 25.63
CA ALA B 189 -3.87 8.80 25.40
C ALA B 189 -3.04 7.53 25.31
N CYS B 190 -2.91 6.83 26.43
CA CYS B 190 -2.08 5.64 26.52
C CYS B 190 -2.90 4.42 26.90
N GLY B 191 -2.47 3.24 26.45
CA GLY B 191 -3.15 2.04 26.90
C GLY B 191 -2.80 0.78 26.15
N SER B 192 -3.50 -0.30 26.48
CA SER B 192 -3.27 -1.60 25.88
C SER B 192 -4.33 -1.88 24.83
N VAL B 193 -3.89 -2.43 23.69
CA VAL B 193 -4.77 -2.80 22.60
C VAL B 193 -4.87 -4.31 22.49
N LEU B 194 -5.96 -4.92 22.98
CA LEU B 194 -6.07 -6.37 22.90
C LEU B 194 -7.04 -6.83 21.80
N MET B 195 -6.75 -8.00 21.23
CA MET B 195 -7.69 -8.72 20.37
C MET B 195 -8.96 -9.10 21.12
N LYS B 196 -10.12 -8.92 20.46
CA LYS B 196 -11.43 -9.17 21.05
C LYS B 196 -11.63 -10.59 21.58
N GLY B 197 -11.11 -11.57 20.88
CA GLY B 197 -11.37 -12.93 21.33
C GLY B 197 -10.43 -13.43 22.39
N SER B 198 -9.19 -13.65 21.95
CA SER B 198 -8.13 -14.29 22.72
C SER B 198 -7.50 -13.39 23.77
N HIS B 199 -7.75 -12.09 23.63
CA HIS B 199 -7.13 -11.06 24.46
C HIS B 199 -5.63 -10.99 24.29
N MET B 200 -5.12 -11.52 23.18
CA MET B 200 -3.70 -11.35 22.86
C MET B 200 -3.39 -9.87 22.70
N ARG B 201 -2.17 -9.47 23.04
CA ARG B 201 -1.78 -8.06 22.92
C ARG B 201 -1.42 -7.76 21.49
N LEU B 202 -2.09 -6.77 20.91
CA LEU B 202 -1.69 -6.29 19.59
C LEU B 202 -0.67 -5.18 19.78
N ALA B 203 -0.86 -4.38 20.83
CA ALA B 203 -0.01 -3.21 21.02
C ALA B 203 -0.09 -2.60 22.39
N THR B 204 1.07 -2.27 22.94
CA THR B 204 1.18 -1.24 23.95
C THR B 204 1.23 0.11 23.22
N MET B 205 0.37 1.04 23.60
CA MET B 205 0.23 2.27 22.82
C MET B 205 0.39 3.53 23.66
N VAL B 206 1.16 4.48 23.12
CA VAL B 206 1.36 5.79 23.76
C VAL B 206 1.07 6.94 22.79
N HIS B 207 0.29 7.92 23.23
CA HIS B 207 0.07 9.17 22.48
C HIS B 207 0.33 10.36 23.40
N LEU B 208 1.31 11.20 23.08
CA LEU B 208 1.58 12.38 23.92
C LEU B 208 1.47 13.64 23.10
N ALA B 209 0.64 14.57 23.56
CA ALA B 209 0.45 15.83 22.87
C ALA B 209 1.30 16.94 23.50
N ARG B 210 2.40 17.30 22.83
CA ARG B 210 3.31 18.32 23.32
C ARG B 210 3.05 19.66 22.60
N ILE B 211 2.91 20.71 23.41
CA ILE B 211 2.64 22.05 22.90
C ILE B 211 3.75 22.58 21.99
N THR B 212 3.34 23.18 20.87
CA THR B 212 4.25 23.85 19.93
C THR B 212 3.78 25.28 19.68
N ASP B 213 4.60 26.08 19.02
CA ASP B 213 4.22 27.46 18.71
C ASP B 213 2.96 27.54 17.86
N ASP B 214 2.79 26.59 16.94
CA ASP B 214 1.65 26.63 16.02
C ASP B 214 0.43 25.89 16.54
N GLY B 215 0.60 25.20 17.67
CA GLY B 215 -0.44 24.31 18.16
C GLY B 215 0.21 23.22 19.01
N PHE B 216 0.07 21.98 18.57
CA PHE B 216 0.78 20.91 19.26
C PHE B 216 1.18 19.78 18.30
N GLU B 217 2.22 19.05 18.68
CA GLU B 217 2.64 17.86 17.97
C GLU B 217 2.21 16.62 18.76
N LEU B 218 1.79 15.59 18.03
CA LEU B 218 1.51 14.29 18.62
C LEU B 218 2.72 13.37 18.47
N ARG B 219 3.25 12.90 19.59
CA ARG B 219 4.31 11.91 19.54
C ARG B 219 3.73 10.59 20.03
N SER B 220 3.71 9.60 19.12
CA SER B 220 3.08 8.30 19.36
C SER B 220 4.09 7.15 19.28
N ARG B 221 3.88 6.15 20.12
CA ARG B 221 4.73 4.96 20.15
C ARG B 221 3.86 3.70 20.22
N TYR B 222 4.16 2.70 19.40
CA TYR B 222 3.51 1.41 19.59
C TYR B 222 4.56 0.32 19.67
N TRP B 223 4.43 -0.53 20.67
CA TRP B 223 5.21 -1.76 20.73
C TRP B 223 4.27 -2.89 20.35
N ILE B 224 4.49 -3.47 19.17
CA ILE B 224 3.47 -4.33 18.59
C ILE B 224 3.70 -5.81 18.91
N ALA B 225 2.63 -6.46 19.38
CA ALA B 225 2.62 -7.87 19.74
C ALA B 225 3.67 -8.15 20.81
N ASP B 226 3.73 -7.29 21.82
CA ASP B 226 4.73 -7.46 22.86
C ASP B 226 4.19 -8.45 23.88
N ARG B 227 5.01 -8.76 24.88
CA ARG B 227 4.66 -9.84 25.81
C ARG B 227 3.80 -9.35 26.96
N ALA B 228 3.92 -8.07 27.32
CA ALA B 228 3.30 -7.59 28.55
C ALA B 228 3.03 -6.10 28.51
N GLU B 229 2.02 -5.66 29.25
CA GLU B 229 1.87 -4.25 29.60
C GLU B 229 3.14 -3.79 30.32
N PRO B 230 3.60 -2.52 30.11
CA PRO B 230 4.79 -2.10 30.84
C PRO B 230 4.58 -2.18 32.35
N ARG B 231 5.61 -2.60 33.08
CA ARG B 231 5.57 -2.69 34.54
C ARG B 231 4.53 -3.72 35.01
N HIS B 232 4.27 -4.72 34.18
CA HIS B 232 3.41 -5.84 34.57
C HIS B 232 3.91 -7.15 33.97
N ASP B 233 3.38 -8.25 34.50
CA ASP B 233 3.64 -9.59 33.98
C ASP B 233 2.76 -9.90 32.77
N PRO B 234 3.18 -10.88 31.95
CA PRO B 234 2.24 -11.37 30.94
C PRO B 234 1.01 -11.96 31.62
N VAL B 235 -0.15 -11.89 30.99
CA VAL B 235 -1.34 -12.51 31.55
C VAL B 235 -1.27 -14.04 31.40
N ALA B 236 -1.46 -14.76 32.50
CA ALA B 236 -1.36 -16.22 32.46
C ALA B 236 -2.35 -16.81 31.49
N GLY B 237 -1.91 -17.77 30.68
CA GLY B 237 -2.80 -18.46 29.76
C GLY B 237 -3.09 -17.70 28.47
N ILE B 238 -2.52 -16.51 28.29
CA ILE B 238 -2.68 -15.81 27.01
C ILE B 238 -1.37 -15.79 26.26
N ALA B 239 -1.38 -16.35 25.06
CA ALA B 239 -0.18 -16.49 24.25
C ALA B 239 0.19 -15.17 23.60
N GLN B 240 1.49 -14.99 23.32
CA GLN B 240 1.94 -13.81 22.58
C GLN B 240 1.51 -13.88 21.12
N LEU B 241 1.16 -12.73 20.56
CA LEU B 241 0.62 -12.64 19.22
C LEU B 241 1.63 -13.15 18.20
N THR B 242 2.90 -13.06 18.55
CA THR B 242 3.96 -13.55 17.68
C THR B 242 3.90 -15.06 17.49
N THR B 243 3.05 -15.74 18.26
CA THR B 243 2.91 -17.19 18.09
C THR B 243 1.87 -17.56 17.04
N VAL B 244 1.09 -16.58 16.56
CA VAL B 244 0.07 -16.83 15.55
C VAL B 244 0.71 -17.11 14.20
N PRO B 245 0.45 -18.31 13.64
CA PRO B 245 1.16 -18.90 12.49
C PRO B 245 1.52 -17.92 11.36
N GLY B 246 0.59 -17.08 10.92
CA GLY B 246 0.94 -16.14 9.85
C GLY B 246 1.42 -14.73 10.24
N PHE B 247 1.31 -14.40 11.52
CA PHE B 247 1.49 -13.00 11.94
C PHE B 247 2.92 -12.52 11.76
N SER B 248 3.08 -11.31 11.20
CA SER B 248 4.39 -10.66 11.15
C SER B 248 4.44 -9.32 11.92
N GLY B 249 5.24 -9.28 12.97
CA GLY B 249 5.36 -8.06 13.77
C GLY B 249 5.89 -6.92 12.95
N GLU B 250 6.89 -7.22 12.12
CA GLU B 250 7.50 -6.24 11.24
C GLU B 250 6.48 -5.61 10.28
N ARG B 251 5.68 -6.43 9.60
CA ARG B 251 4.67 -5.92 8.68
C ARG B 251 3.56 -5.19 9.42
N GLN B 252 3.14 -5.72 10.57
CA GLN B 252 2.08 -5.04 11.31
C GLN B 252 2.55 -3.65 11.70
N ALA B 253 3.82 -3.56 12.12
CA ALA B 253 4.44 -2.29 12.48
C ALA B 253 4.42 -1.30 11.33
N TYR B 254 4.67 -1.82 10.12
CA TYR B 254 4.60 -0.96 8.95
C TYR B 254 3.18 -0.49 8.73
N GLU B 255 2.22 -1.40 8.78
CA GLU B 255 0.80 -1.00 8.68
C GLU B 255 0.43 0.02 9.76
N GLN B 256 0.99 -0.14 10.96
CA GLN B 256 0.65 0.80 12.05
C GLN B 256 1.22 2.16 11.75
N LEU B 257 2.41 2.21 11.16
CA LEU B 257 3.01 3.50 10.80
C LEU B 257 2.11 4.19 9.80
N VAL B 258 1.76 3.49 8.74
CA VAL B 258 0.96 4.05 7.67
C VAL B 258 -0.39 4.49 8.21
N HIS B 259 -1.00 3.64 9.02
CA HIS B 259 -2.30 3.91 9.62
C HIS B 259 -2.25 5.17 10.50
N ASP B 260 -1.28 5.23 11.39
CA ASP B 260 -1.18 6.33 12.35
C ASP B 260 -0.99 7.67 11.66
N GLN B 261 -0.11 7.72 10.67
CA GLN B 261 0.12 8.95 9.95
C GLN B 261 -1.14 9.36 9.14
N THR B 262 -1.86 8.38 8.61
CA THR B 262 -3.06 8.68 7.82
C THR B 262 -4.15 9.25 8.74
N GLU B 263 -4.56 8.44 9.73
CA GLU B 263 -5.46 8.79 10.85
C GLU B 263 -5.27 10.20 11.43
N PHE B 264 -4.10 10.42 12.03
CA PHE B 264 -3.91 11.63 12.78
C PHE B 264 -3.64 12.86 11.91
N ASN B 265 -2.97 12.72 10.75
CA ASN B 265 -2.88 13.88 9.84
C ASN B 265 -4.27 14.31 9.37
N HIS B 266 -5.13 13.33 9.20
CA HIS B 266 -6.48 13.63 8.78
C HIS B 266 -7.24 14.37 9.89
N LEU B 267 -7.21 13.82 11.09
CA LEU B 267 -7.84 14.47 12.25
C LEU B 267 -7.41 15.92 12.38
N ALA B 268 -6.13 16.17 12.13
CA ALA B 268 -5.53 17.50 12.27
C ALA B 268 -6.07 18.52 11.27
N THR B 269 -6.77 18.05 10.24
CA THR B 269 -7.31 18.98 9.26
C THR B 269 -8.60 19.63 9.76
N PHE B 270 -9.34 18.92 10.61
CA PHE B 270 -10.66 19.40 11.04
C PHE B 270 -10.88 19.38 12.53
N LEU B 271 -9.86 19.03 13.31
CA LEU B 271 -10.01 18.98 14.76
C LEU B 271 -10.36 20.34 15.39
N PRO B 272 -9.61 21.41 15.04
CA PRO B 272 -9.94 22.70 15.66
C PRO B 272 -11.34 23.18 15.31
N ASP B 273 -11.80 22.84 14.11
CA ASP B 273 -13.14 23.23 13.67
C ASP B 273 -14.26 22.42 14.31
N ILE B 274 -14.14 21.10 14.32
CA ILE B 274 -15.21 20.28 14.89
C ILE B 274 -15.31 20.50 16.41
N TYR B 275 -14.22 20.98 16.98
CA TYR B 275 -14.15 21.30 18.40
C TYR B 275 -14.97 22.56 18.65
N GLN B 276 -14.63 23.62 17.93
CA GLN B 276 -15.39 24.88 17.98
C GLN B 276 -16.89 24.68 17.72
N GLU B 277 -17.24 23.73 16.85
CA GLU B 277 -18.65 23.50 16.56
C GLU B 277 -19.34 22.58 17.55
N PHE B 278 -18.66 21.54 18.01
CA PHE B 278 -19.32 20.53 18.85
C PHE B 278 -18.79 20.41 20.31
N GLY B 279 -17.75 21.17 20.64
CA GLY B 279 -17.21 21.11 22.00
C GLY B 279 -17.83 22.09 22.99
N PRO B 280 -17.05 22.52 23.99
CA PRO B 280 -17.44 23.54 24.96
C PRO B 280 -17.06 24.94 24.51
MG MG C . 6.77 -6.45 -12.92
C1 EDO D . 7.86 -8.29 -16.77
O1 EDO D . 7.78 -8.59 -18.18
C2 EDO D . 6.80 -7.24 -16.42
O2 EDO D . 6.58 -7.32 -15.01
C1 EDO E . 0.41 -8.54 8.33
O1 EDO E . -0.01 -7.15 8.28
C2 EDO E . 0.38 -8.95 9.78
O2 EDO E . 0.91 -10.28 9.95
MG MG F . -6.76 3.79 15.66
#